data_6LJD
#
_entry.id   6LJD
#
_cell.length_a   115.830
_cell.length_b   115.830
_cell.length_c   42.110
_cell.angle_alpha   90.000
_cell.angle_beta   90.000
_cell.angle_gamma   120.000
#
_symmetry.space_group_name_H-M   'P 61'
#
loop_
_entity.id
_entity.type
_entity.pdbx_description
1 polymer 'Actin-binding protein fragmin P'
2 non-polymer 'CALCIUM ION'
3 non-polymer 'SULFATE ION'
4 non-polymer GLYCEROL
5 non-polymer 'CHLORIDE ION'
6 non-polymer '2-(N-MORPHOLINO)-ETHANESULFONIC ACID'
7 water water
#
_entity_poly.entity_id   1
_entity_poly.type   'polypeptide(L)'
_entity_poly.pdbx_seq_one_letter_code
;GPDKYRTRLLHLKGKKHIRVHEVPKTYKSLNSGDVFVLDAGKTVIQWNGAKAGLLEKVKAAELLQAIEGEREGIASGRVV
AEADNDTEFFTLLGDKGPIADAAAGGSDLEADKKDQPAVLLRLSDASGKFEFTEVARGLKVKRNLLDSNDVFVLYTGAEV
FAWVGKHASVGEKKKALSFAQEYVQKAGLPIHTPVARILEGGENEVFEDFFD
;
_entity_poly.pdbx_strand_id   C
#
loop_
_chem_comp.id
_chem_comp.type
_chem_comp.name
_chem_comp.formula
CA non-polymer 'CALCIUM ION' 'Ca 2'
CL non-polymer 'CHLORIDE ION' 'Cl -1'
GOL non-polymer GLYCEROL 'C3 H8 O3'
MES non-polymer '2-(N-MORPHOLINO)-ETHANESULFONIC ACID' 'C6 H13 N O4 S'
SO4 non-polymer 'SULFATE ION' 'O4 S -2'
#
# COMPACT_ATOMS: atom_id res chain seq x y z
N TYR A 5 4.91 -16.92 -3.98
CA TYR A 5 4.54 -15.53 -3.70
C TYR A 5 5.27 -14.56 -4.63
N ARG A 6 4.58 -13.52 -5.09
CA ARG A 6 5.16 -12.54 -6.00
C ARG A 6 5.85 -11.45 -5.18
N THR A 7 7.16 -11.42 -5.23
CA THR A 7 7.92 -10.42 -4.50
C THR A 7 7.70 -9.03 -5.12
N ARG A 8 7.44 -8.05 -4.27
CA ARG A 8 7.14 -6.70 -4.74
C ARG A 8 7.99 -5.69 -3.97
N LEU A 9 8.43 -4.64 -4.66
CA LEU A 9 9.18 -3.56 -4.05
C LEU A 9 8.26 -2.35 -3.88
N LEU A 10 8.21 -1.81 -2.67
CA LEU A 10 7.37 -0.69 -2.33
C LEU A 10 8.24 0.51 -1.98
N HIS A 11 7.82 1.68 -2.42
CA HIS A 11 8.59 2.92 -2.33
C HIS A 11 7.80 3.92 -1.49
N LEU A 12 8.35 4.29 -0.34
CA LEU A 12 7.70 5.22 0.58
C LEU A 12 8.45 6.54 0.56
N LYS A 13 7.70 7.65 0.53
CA LYS A 13 8.32 8.96 0.29
C LYS A 13 7.43 10.08 0.83
N GLY A 14 8.04 11.05 1.48
CA GLY A 14 7.31 12.25 1.82
C GLY A 14 7.93 12.99 2.98
N LYS A 15 7.38 14.17 3.23
CA LYS A 15 7.83 15.03 4.31
C LYS A 15 6.75 15.18 5.39
N LYS A 16 5.60 15.75 5.06
CA LYS A 16 4.52 15.92 6.04
C LYS A 16 3.63 14.69 6.12
N HIS A 17 3.54 13.94 5.04
CA HIS A 17 2.82 12.67 5.02
C HIS A 17 3.56 11.74 4.08
N ILE A 18 3.20 10.46 4.10
CA ILE A 18 3.93 9.43 3.38
C ILE A 18 2.98 8.77 2.39
N ARG A 19 3.39 8.69 1.14
CA ARG A 19 2.69 7.88 0.15
C ARG A 19 3.55 6.69 -0.25
N VAL A 20 2.89 5.62 -0.70
CA VAL A 20 3.57 4.39 -1.08
C VAL A 20 3.14 3.99 -2.47
N HIS A 21 4.11 3.59 -3.29
CA HIS A 21 3.87 3.07 -4.63
C HIS A 21 4.59 1.73 -4.79
N GLU A 22 4.03 0.85 -5.62
CA GLU A 22 4.81 -0.28 -6.11
C GLU A 22 5.69 0.20 -7.26
N VAL A 23 6.95 -0.15 -7.22
CA VAL A 23 7.93 0.27 -8.22
C VAL A 23 8.61 -1.00 -8.76
N PRO A 24 9.26 -0.91 -9.92
CA PRO A 24 9.86 -2.11 -10.50
C PRO A 24 10.89 -2.75 -9.56
N LYS A 25 10.89 -4.07 -9.52
CA LYS A 25 11.72 -4.85 -8.59
C LYS A 25 13.15 -4.91 -9.12
N THR A 26 13.91 -3.86 -8.80
CA THR A 26 15.31 -3.77 -9.20
C THR A 26 15.98 -2.67 -8.39
N TYR A 27 17.28 -2.83 -8.15
CA TYR A 27 18.06 -1.80 -7.47
C TYR A 27 17.98 -0.45 -8.16
N LYS A 28 17.64 -0.42 -9.44
CA LYS A 28 17.52 0.86 -10.14
C LYS A 28 16.33 1.67 -9.64
N SER A 29 15.34 1.04 -9.01
CA SER A 29 14.23 1.78 -8.42
C SER A 29 14.62 2.51 -7.14
N LEU A 30 15.67 2.04 -6.46
CA LEU A 30 16.06 2.60 -5.18
C LEU A 30 16.62 4.02 -5.33
N ASN A 31 16.65 4.75 -4.21
CA ASN A 31 17.39 5.99 -4.11
C ASN A 31 17.66 6.25 -2.63
N SER A 32 18.80 6.89 -2.35
CA SER A 32 19.27 7.02 -0.98
C SER A 32 18.46 7.98 -0.14
N GLY A 33 17.50 8.69 -0.73
CA GLY A 33 16.73 9.65 0.04
C GLY A 33 15.46 9.13 0.65
N ASP A 34 15.00 7.94 0.26
CA ASP A 34 13.69 7.44 0.63
C ASP A 34 13.81 6.09 1.34
N VAL A 35 12.65 5.47 1.61
CA VAL A 35 12.58 4.19 2.29
C VAL A 35 11.83 3.22 1.41
N PHE A 36 12.29 1.97 1.37
CA PHE A 36 11.68 0.95 0.53
C PHE A 36 11.37 -0.28 1.37
N VAL A 37 10.31 -0.97 0.99
CA VAL A 37 9.93 -2.23 1.64
C VAL A 37 9.91 -3.30 0.57
N LEU A 38 10.77 -4.30 0.73
CA LEU A 38 10.81 -5.45 -0.16
C LEU A 38 9.96 -6.55 0.46
N ASP A 39 8.80 -6.81 -0.12
CA ASP A 39 7.86 -7.81 0.38
C ASP A 39 8.05 -9.10 -0.40
N ALA A 40 8.66 -10.09 0.24
CA ALA A 40 8.88 -11.41 -0.34
C ALA A 40 8.03 -12.48 0.35
N GLY A 41 6.84 -12.11 0.82
CA GLY A 41 5.97 -13.07 1.45
C GLY A 41 6.37 -13.40 2.86
N LYS A 42 7.19 -14.43 3.05
CA LYS A 42 7.60 -14.81 4.39
C LYS A 42 8.76 -13.96 4.90
N THR A 43 9.43 -13.25 4.01
CA THR A 43 10.49 -12.33 4.37
C THR A 43 10.11 -10.93 3.87
N VAL A 44 10.23 -9.94 4.75
CA VAL A 44 9.86 -8.57 4.43
C VAL A 44 10.97 -7.69 4.98
N ILE A 45 11.59 -6.88 4.11
CA ILE A 45 12.79 -6.15 4.48
C ILE A 45 12.55 -4.67 4.21
N GLN A 46 12.70 -3.86 5.25
CA GLN A 46 12.66 -2.40 5.12
C GLN A 46 14.09 -1.91 4.88
N TRP A 47 14.28 -1.18 3.79
CA TRP A 47 15.57 -0.64 3.39
C TRP A 47 15.54 0.88 3.59
N ASN A 48 16.34 1.37 4.53
CA ASN A 48 16.42 2.80 4.84
C ASN A 48 17.54 3.45 4.03
N GLY A 49 17.19 4.37 3.13
CA GLY A 49 18.22 5.14 2.46
C GLY A 49 19.09 5.88 3.44
N ALA A 50 20.34 6.15 3.03
CA ALA A 50 21.25 6.88 3.90
C ALA A 50 20.70 8.26 4.25
N LYS A 51 19.89 8.85 3.38
CA LYS A 51 19.29 10.15 3.64
C LYS A 51 17.77 10.05 3.81
N ALA A 52 17.28 8.90 4.27
CA ALA A 52 15.85 8.74 4.52
C ALA A 52 15.39 9.68 5.63
N GLY A 53 14.17 10.22 5.48
CA GLY A 53 13.60 11.06 6.50
C GLY A 53 12.99 10.26 7.62
N LEU A 54 12.86 10.90 8.78
CA LEU A 54 12.30 10.23 9.95
C LEU A 54 10.92 9.66 9.66
N LEU A 55 10.05 10.46 9.04
CA LEU A 55 8.67 10.03 8.86
C LEU A 55 8.58 8.86 7.88
N GLU A 56 9.39 8.88 6.83
CA GLU A 56 9.41 7.76 5.89
C GLU A 56 9.80 6.47 6.60
N LYS A 57 10.81 6.51 7.47
CA LYS A 57 11.17 5.34 8.25
C LYS A 57 10.03 4.90 9.16
N VAL A 58 9.38 5.88 9.82
CA VAL A 58 8.32 5.55 10.77
C VAL A 58 7.17 4.84 10.08
N LYS A 59 6.76 5.33 8.91
CA LYS A 59 5.61 4.73 8.26
C LYS A 59 5.97 3.42 7.58
N ALA A 60 7.21 3.27 7.10
CA ALA A 60 7.61 1.95 6.61
C ALA A 60 7.62 0.94 7.75
N ALA A 61 8.14 1.35 8.92
CA ALA A 61 8.14 0.48 10.09
C ALA A 61 6.72 0.08 10.47
N GLU A 62 5.77 1.01 10.32
CA GLU A 62 4.37 0.70 10.64
C GLU A 62 3.80 -0.31 9.65
N LEU A 63 4.15 -0.15 8.37
CA LEU A 63 3.69 -1.10 7.36
C LEU A 63 4.23 -2.50 7.67
N LEU A 64 5.51 -2.62 8.02
CA LEU A 64 6.08 -3.91 8.40
C LEU A 64 5.29 -4.54 9.54
N GLN A 65 5.06 -3.77 10.62
CA GLN A 65 4.30 -4.28 11.76
C GLN A 65 2.93 -4.77 11.33
N ALA A 66 2.26 -4.03 10.43
CA ALA A 66 0.92 -4.44 10.02
C ALA A 66 0.98 -5.71 9.17
N ILE A 67 1.92 -5.78 8.23
CA ILE A 67 2.07 -6.98 7.42
C ILE A 67 2.36 -8.19 8.32
N GLU A 68 3.30 -8.04 9.25
CA GLU A 68 3.58 -9.08 10.24
C GLU A 68 2.32 -9.50 10.98
N GLY A 69 1.62 -8.52 11.57
CA GLY A 69 0.43 -8.84 12.34
C GLY A 69 -0.60 -9.61 11.52
N GLU A 70 -0.74 -9.24 10.24
CA GLU A 70 -1.77 -9.85 9.41
C GLU A 70 -1.36 -11.24 8.90
N ARG A 71 -0.07 -11.50 8.75
CA ARG A 71 0.39 -12.79 8.29
C ARG A 71 0.67 -13.77 9.44
N GLU A 72 0.55 -13.32 10.69
CA GLU A 72 0.50 -14.18 11.87
C GLU A 72 1.72 -15.11 11.94
N GLY A 73 2.89 -14.50 12.06
CA GLY A 73 4.12 -15.22 12.24
C GLY A 73 4.67 -15.92 11.02
N ILE A 74 3.86 -16.12 9.99
CA ILE A 74 4.35 -16.68 8.73
C ILE A 74 5.44 -15.77 8.14
N ALA A 75 5.28 -14.46 8.29
CA ALA A 75 6.22 -13.49 7.75
C ALA A 75 7.02 -12.84 8.87
N SER A 76 8.32 -12.74 8.68
CA SER A 76 9.19 -12.02 9.60
C SER A 76 9.70 -10.74 8.94
N GLY A 77 9.86 -9.70 9.75
CA GLY A 77 10.26 -8.39 9.27
C GLY A 77 11.62 -8.00 9.83
N ARG A 78 12.35 -7.20 9.05
CA ARG A 78 13.72 -6.82 9.38
C ARG A 78 14.04 -5.51 8.70
N VAL A 79 14.81 -4.65 9.39
CA VAL A 79 15.23 -3.37 8.86
C VAL A 79 16.72 -3.41 8.59
N VAL A 80 17.14 -2.87 7.44
CA VAL A 80 18.55 -2.73 7.11
C VAL A 80 18.79 -1.29 6.69
N ALA A 81 19.99 -0.81 6.98
CA ALA A 81 20.46 0.47 6.46
C ALA A 81 21.06 0.29 5.07
N GLU A 82 21.05 1.37 4.29
CA GLU A 82 21.67 1.33 2.98
C GLU A 82 23.14 0.95 3.07
N ALA A 83 23.84 1.50 4.06
CA ALA A 83 25.27 1.24 4.21
C ALA A 83 25.54 -0.21 4.59
N ASP A 84 24.54 -0.93 5.10
CA ASP A 84 24.73 -2.33 5.46
C ASP A 84 24.99 -3.20 4.23
N ASN A 85 24.51 -2.78 3.06
CA ASN A 85 24.58 -3.59 1.84
C ASN A 85 24.08 -5.01 2.12
N ASP A 86 22.87 -5.10 2.65
CA ASP A 86 22.34 -6.38 3.09
C ASP A 86 22.27 -7.34 1.91
N THR A 87 22.88 -8.52 2.08
CA THR A 87 22.97 -9.45 0.96
C THR A 87 21.65 -10.19 0.74
N GLU A 88 20.90 -10.47 1.81
CA GLU A 88 19.60 -11.08 1.60
C GLU A 88 18.66 -10.14 0.85
N PHE A 89 18.75 -8.84 1.16
CA PHE A 89 17.93 -7.84 0.47
C PHE A 89 18.20 -7.85 -1.03
N PHE A 90 19.46 -7.70 -1.42
CA PHE A 90 19.76 -7.65 -2.85
C PHE A 90 19.56 -8.99 -3.52
N THR A 91 19.69 -10.10 -2.78
CA THR A 91 19.37 -11.41 -3.36
C THR A 91 17.89 -11.49 -3.72
N LEU A 92 17.02 -11.15 -2.78
CA LEU A 92 15.59 -11.14 -3.05
C LEU A 92 15.23 -10.10 -4.11
N LEU A 93 15.93 -8.97 -4.12
CA LEU A 93 15.72 -7.97 -5.16
C LEU A 93 16.02 -8.55 -6.54
N GLY A 94 17.06 -9.37 -6.65
CA GLY A 94 17.42 -10.00 -7.90
C GLY A 94 18.55 -9.33 -8.67
N ASP A 95 19.05 -8.18 -8.20
CA ASP A 95 20.18 -7.53 -8.84
C ASP A 95 20.80 -6.57 -7.84
N LYS A 96 21.91 -5.96 -8.24
CA LYS A 96 22.62 -5.00 -7.41
C LYS A 96 23.47 -4.11 -8.30
N GLY A 97 23.76 -2.92 -7.78
CA GLY A 97 24.51 -1.91 -8.49
C GLY A 97 24.49 -0.60 -7.74
N PRO A 98 24.99 0.46 -8.36
CA PRO A 98 25.06 1.76 -7.67
C PRO A 98 23.67 2.31 -7.42
N ILE A 99 23.49 2.91 -6.24
CA ILE A 99 22.20 3.42 -5.79
C ILE A 99 22.11 4.90 -6.12
N ALA A 100 21.07 5.28 -6.85
CA ALA A 100 20.83 6.69 -7.15
C ALA A 100 20.78 7.50 -5.87
N ASP A 101 21.23 8.76 -5.94
CA ASP A 101 21.30 9.57 -4.74
C ASP A 101 19.94 10.19 -4.43
N ALA A 102 19.87 10.91 -3.30
CA ALA A 102 18.61 11.48 -2.85
C ALA A 102 18.02 12.43 -3.89
N ALA A 103 18.84 13.33 -4.43
CA ALA A 103 18.35 14.29 -5.42
C ALA A 103 17.70 13.59 -6.61
N ALA A 104 18.22 12.43 -7.00
CA ALA A 104 17.65 11.71 -8.13
C ALA A 104 16.25 11.22 -7.83
N GLY A 105 15.89 11.07 -6.55
CA GLY A 105 14.56 10.63 -6.19
C GLY A 105 13.50 11.72 -6.20
N GLY A 106 13.93 12.98 -6.32
CA GLY A 106 13.00 14.09 -6.29
C GLY A 106 12.75 14.59 -4.88
N SER A 107 12.16 15.78 -4.81
CA SER A 107 11.91 16.42 -3.53
C SER A 107 10.76 15.74 -2.78
N ASP A 108 10.96 15.52 -1.48
CA ASP A 108 9.89 14.98 -0.64
C ASP A 108 8.74 15.97 -0.57
N LEU A 109 9.05 17.26 -0.52
CA LEU A 109 8.01 18.29 -0.42
C LEU A 109 7.12 18.30 -1.66
N GLU A 110 7.71 18.16 -2.85
CA GLU A 110 6.91 18.05 -4.06
C GLU A 110 6.05 16.79 -4.03
N ALA A 111 6.61 15.67 -3.57
CA ALA A 111 5.84 14.43 -3.50
C ALA A 111 4.61 14.60 -2.63
N ASP A 112 4.75 15.31 -1.50
CA ASP A 112 3.62 15.58 -0.62
C ASP A 112 2.46 16.23 -1.39
N LYS A 113 2.83 17.13 -2.25
CA LYS A 113 1.85 17.96 -2.93
C LYS A 113 1.33 17.31 -4.22
N LYS A 114 2.15 16.54 -4.93
CA LYS A 114 1.88 16.05 -6.27
C LYS A 114 1.46 14.59 -6.33
N ASP A 115 2.00 13.74 -5.46
CA ASP A 115 1.82 12.29 -5.56
C ASP A 115 1.00 11.80 -4.36
N GLN A 116 -0.32 11.75 -4.55
CA GLN A 116 -1.27 11.24 -3.56
C GLN A 116 -2.15 10.23 -4.26
N PRO A 117 -1.73 8.96 -4.31
CA PRO A 117 -2.43 7.97 -5.15
C PRO A 117 -3.63 7.31 -4.52
N ALA A 118 -3.92 7.56 -3.25
CA ALA A 118 -5.03 6.87 -2.60
C ALA A 118 -6.33 7.21 -3.30
N VAL A 119 -7.19 6.21 -3.46
CA VAL A 119 -8.55 6.39 -4.00
C VAL A 119 -9.52 5.57 -3.15
N LEU A 120 -10.66 6.18 -2.79
CA LEU A 120 -11.73 5.46 -2.10
C LEU A 120 -12.99 5.46 -2.96
N LEU A 121 -13.60 4.30 -3.12
CA LEU A 121 -14.83 4.16 -3.89
C LEU A 121 -15.86 3.41 -3.07
N ARG A 122 -17.13 3.65 -3.39
CA ARG A 122 -18.23 2.94 -2.75
C ARG A 122 -18.92 2.05 -3.77
N LEU A 123 -19.24 0.83 -3.37
CA LEU A 123 -20.12 -0.06 -4.12
C LEU A 123 -21.45 -0.16 -3.37
N SER A 124 -22.52 0.25 -4.03
CA SER A 124 -23.84 0.19 -3.41
C SER A 124 -24.87 -0.24 -4.43
N ASP A 125 -25.75 -1.17 -4.01
CA ASP A 125 -26.91 -1.54 -4.82
C ASP A 125 -28.21 -1.06 -4.17
N ALA A 126 -28.15 0.05 -3.45
CA ALA A 126 -29.37 0.56 -2.80
C ALA A 126 -30.38 1.07 -3.82
N SER A 127 -29.91 1.55 -4.96
CA SER A 127 -30.81 2.06 -5.99
C SER A 127 -31.50 0.94 -6.77
N GLY A 128 -31.18 -0.33 -6.49
CA GLY A 128 -31.65 -1.43 -7.28
C GLY A 128 -30.65 -1.96 -8.28
N LYS A 129 -29.65 -1.15 -8.64
CA LYS A 129 -28.53 -1.57 -9.47
C LYS A 129 -27.21 -1.28 -8.74
N PHE A 130 -26.16 -1.96 -9.17
CA PHE A 130 -24.83 -1.70 -8.62
C PHE A 130 -24.31 -0.36 -9.11
N GLU A 131 -23.93 0.51 -8.17
CA GLU A 131 -23.28 1.76 -8.47
C GLU A 131 -21.89 1.76 -7.84
N PHE A 132 -20.87 2.02 -8.64
CA PHE A 132 -19.49 1.99 -8.18
C PHE A 132 -18.87 3.36 -8.40
N THR A 133 -18.68 4.10 -7.32
CA THR A 133 -18.51 5.55 -7.37
C THR A 133 -17.32 5.99 -6.55
N GLU A 134 -16.47 6.83 -7.15
CA GLU A 134 -15.36 7.44 -6.41
C GLU A 134 -15.90 8.41 -5.37
N VAL A 135 -15.41 8.30 -4.14
CA VAL A 135 -15.83 9.16 -3.04
C VAL A 135 -14.76 10.20 -2.71
N ALA A 136 -13.49 9.82 -2.69
CA ALA A 136 -12.43 10.76 -2.32
C ALA A 136 -11.09 10.27 -2.85
N ARG A 137 -10.12 11.18 -2.89
CA ARG A 137 -8.78 10.89 -3.39
C ARG A 137 -7.74 11.57 -2.51
N GLY A 138 -6.54 10.98 -2.51
CA GLY A 138 -5.41 11.57 -1.81
C GLY A 138 -5.65 11.68 -0.32
N LEU A 139 -5.17 12.77 0.26
CA LEU A 139 -5.26 13.00 1.69
C LEU A 139 -6.70 13.09 2.18
N LYS A 140 -7.66 13.28 1.28
CA LYS A 140 -9.05 13.39 1.68
C LYS A 140 -9.73 12.04 1.83
N VAL A 141 -8.99 10.94 1.61
CA VAL A 141 -9.49 9.62 1.96
C VAL A 141 -9.35 9.48 3.47
N LYS A 142 -10.46 9.59 4.19
CA LYS A 142 -10.49 9.53 5.64
C LYS A 142 -11.33 8.34 6.08
N ARG A 143 -10.96 7.76 7.23
CA ARG A 143 -11.63 6.55 7.70
C ARG A 143 -13.10 6.80 7.97
N ASN A 144 -13.48 8.03 8.31
CA ASN A 144 -14.87 8.38 8.62
C ASN A 144 -15.79 8.26 7.43
N LEU A 145 -15.24 8.13 6.22
CA LEU A 145 -16.06 7.95 5.04
C LEU A 145 -16.67 6.56 4.96
N LEU A 146 -16.07 5.57 5.62
CA LEU A 146 -16.62 4.23 5.61
C LEU A 146 -18.01 4.21 6.22
N ASP A 147 -18.89 3.39 5.64
CA ASP A 147 -20.29 3.31 6.03
C ASP A 147 -20.66 1.83 6.11
N SER A 148 -21.10 1.39 7.29
CA SER A 148 -21.39 -0.03 7.49
CA SER A 148 -21.40 -0.03 7.50
C SER A 148 -22.46 -0.55 6.55
N ASN A 149 -23.23 0.33 5.92
CA ASN A 149 -24.32 -0.08 5.04
C ASN A 149 -23.87 -0.51 3.65
N ASP A 150 -22.61 -0.30 3.28
CA ASP A 150 -22.19 -0.54 1.90
C ASP A 150 -20.83 -1.19 1.89
N VAL A 151 -20.29 -1.37 0.68
CA VAL A 151 -18.94 -1.87 0.46
C VAL A 151 -18.08 -0.71 -0.02
N PHE A 152 -16.81 -0.72 0.39
CA PHE A 152 -15.89 0.34 -0.01
C PHE A 152 -14.60 -0.26 -0.53
N VAL A 153 -14.09 0.32 -1.61
CA VAL A 153 -12.85 -0.14 -2.23
C VAL A 153 -11.80 0.95 -2.02
N LEU A 154 -10.70 0.58 -1.39
CA LEU A 154 -9.61 1.50 -1.11
C LEU A 154 -8.38 1.03 -1.87
N TYR A 155 -7.82 1.92 -2.69
CA TYR A 155 -6.50 1.76 -3.24
C TYR A 155 -5.54 2.61 -2.43
N THR A 156 -4.54 1.97 -1.81
CA THR A 156 -3.61 2.67 -0.92
C THR A 156 -2.44 3.31 -1.66
N GLY A 157 -2.27 3.02 -2.95
CA GLY A 157 -1.03 3.24 -3.63
C GLY A 157 -0.23 1.96 -3.80
N ALA A 158 -0.51 0.94 -3.00
CA ALA A 158 0.19 -0.34 -3.09
C ALA A 158 -0.73 -1.54 -3.02
N GLU A 159 -2.03 -1.37 -2.77
CA GLU A 159 -2.90 -2.52 -2.58
C GLU A 159 -4.35 -2.04 -2.70
N VAL A 160 -5.23 -2.96 -3.07
CA VAL A 160 -6.65 -2.69 -3.20
C VAL A 160 -7.39 -3.56 -2.21
N PHE A 161 -8.16 -2.93 -1.33
CA PHE A 161 -8.99 -3.61 -0.35
C PHE A 161 -10.46 -3.44 -0.71
N ALA A 162 -11.22 -4.52 -0.53
CA ALA A 162 -12.68 -4.48 -0.65
C ALA A 162 -13.22 -4.62 0.76
N TRP A 163 -13.59 -3.48 1.36
CA TRP A 163 -14.07 -3.44 2.73
C TRP A 163 -15.58 -3.67 2.75
N VAL A 164 -16.00 -4.74 3.41
CA VAL A 164 -17.41 -5.13 3.41
C VAL A 164 -18.04 -4.66 4.73
N GLY A 165 -18.92 -3.67 4.64
CA GLY A 165 -19.63 -3.22 5.83
C GLY A 165 -20.51 -4.30 6.41
N LYS A 166 -20.65 -4.27 7.74
CA LYS A 166 -21.42 -5.28 8.45
C LYS A 166 -22.87 -5.34 7.95
N HIS A 167 -23.41 -4.22 7.46
CA HIS A 167 -24.78 -4.18 6.98
C HIS A 167 -24.86 -4.04 5.47
N ALA A 168 -23.82 -4.44 4.75
CA ALA A 168 -23.88 -4.46 3.31
C ALA A 168 -24.92 -5.49 2.84
N SER A 169 -25.52 -5.21 1.68
CA SER A 169 -26.56 -6.07 1.12
C SER A 169 -25.96 -7.40 0.66
N VAL A 170 -26.85 -8.36 0.39
CA VAL A 170 -26.42 -9.66 -0.12
C VAL A 170 -25.66 -9.50 -1.44
N GLY A 171 -26.18 -8.66 -2.33
CA GLY A 171 -25.48 -8.45 -3.59
C GLY A 171 -24.15 -7.74 -3.41
N GLU A 172 -24.10 -6.73 -2.53
CA GLU A 172 -22.84 -6.03 -2.29
C GLU A 172 -21.78 -6.97 -1.73
N LYS A 173 -22.17 -7.83 -0.77
CA LYS A 173 -21.22 -8.76 -0.18
C LYS A 173 -20.68 -9.74 -1.23
N LYS A 174 -21.55 -10.21 -2.14
CA LYS A 174 -21.11 -11.20 -3.12
C LYS A 174 -20.21 -10.57 -4.18
N LYS A 175 -20.52 -9.35 -4.61
CA LYS A 175 -19.79 -8.76 -5.73
C LYS A 175 -18.61 -7.88 -5.31
N ALA A 176 -18.40 -7.68 -4.01
CA ALA A 176 -17.35 -6.77 -3.52
C ALA A 176 -16.00 -7.07 -4.15
N LEU A 177 -15.56 -8.33 -4.09
CA LEU A 177 -14.23 -8.68 -4.60
C LEU A 177 -14.10 -8.40 -6.09
N SER A 178 -15.12 -8.75 -6.87
CA SER A 178 -15.01 -8.60 -8.32
C SER A 178 -14.97 -7.14 -8.73
N PHE A 179 -15.69 -6.26 -8.04
CA PHE A 179 -15.58 -4.83 -8.34
C PHE A 179 -14.18 -4.32 -8.01
N ALA A 180 -13.60 -4.80 -6.90
CA ALA A 180 -12.26 -4.35 -6.55
C ALA A 180 -11.23 -4.86 -7.56
N GLN A 181 -11.37 -6.09 -8.03
CA GLN A 181 -10.48 -6.60 -9.08
C GLN A 181 -10.66 -5.81 -10.37
N GLU A 182 -11.92 -5.53 -10.74
CA GLU A 182 -12.17 -4.75 -11.95
C GLU A 182 -11.56 -3.36 -11.86
N TYR A 183 -11.49 -2.79 -10.66
CA TYR A 183 -10.89 -1.46 -10.52
C TYR A 183 -9.43 -1.48 -10.92
N VAL A 184 -8.71 -2.55 -10.58
CA VAL A 184 -7.30 -2.65 -10.96
C VAL A 184 -7.15 -2.55 -12.48
N GLN A 185 -8.05 -3.20 -13.21
CA GLN A 185 -7.98 -3.16 -14.66
C GLN A 185 -8.30 -1.77 -15.20
N LYS A 186 -9.49 -1.25 -14.88
CA LYS A 186 -9.94 0.01 -15.46
C LYS A 186 -9.04 1.17 -15.08
N ALA A 187 -8.43 1.13 -13.89
CA ALA A 187 -7.55 2.21 -13.47
C ALA A 187 -6.14 2.08 -14.03
N GLY A 188 -5.86 1.04 -14.81
CA GLY A 188 -4.54 0.89 -15.40
C GLY A 188 -3.43 0.64 -14.40
N LEU A 189 -3.71 -0.11 -13.34
CA LEU A 189 -2.69 -0.45 -12.37
C LEU A 189 -1.97 -1.73 -12.79
N PRO A 190 -0.79 -2.00 -12.21
CA PRO A 190 -0.12 -3.27 -12.49
C PRO A 190 -1.05 -4.46 -12.30
N ILE A 191 -0.99 -5.40 -13.24
CA ILE A 191 -1.97 -6.49 -13.32
C ILE A 191 -1.94 -7.33 -12.05
N HIS A 192 -0.79 -7.42 -11.40
CA HIS A 192 -0.63 -8.24 -10.21
C HIS A 192 -0.73 -7.41 -8.92
N THR A 193 -1.35 -6.24 -8.98
CA THR A 193 -1.65 -5.47 -7.78
C THR A 193 -2.45 -6.34 -6.80
N PRO A 194 -1.99 -6.51 -5.57
CA PRO A 194 -2.75 -7.34 -4.63
C PRO A 194 -4.13 -6.75 -4.37
N VAL A 195 -5.11 -7.64 -4.24
CA VAL A 195 -6.48 -7.28 -3.92
C VAL A 195 -6.94 -8.20 -2.80
N ALA A 196 -7.49 -7.62 -1.73
CA ALA A 196 -7.92 -8.38 -0.58
C ALA A 196 -9.33 -7.96 -0.17
N ARG A 197 -10.15 -8.96 0.16
CA ARG A 197 -11.50 -8.74 0.67
C ARG A 197 -11.45 -8.84 2.18
N ILE A 198 -12.02 -7.85 2.87
CA ILE A 198 -11.92 -7.76 4.31
C ILE A 198 -13.27 -7.35 4.88
N LEU A 199 -13.49 -7.73 6.14
CA LEU A 199 -14.75 -7.49 6.80
C LEU A 199 -14.62 -6.35 7.81
N GLU A 200 -15.68 -5.54 7.90
CA GLU A 200 -15.79 -4.58 8.99
C GLU A 200 -15.71 -5.33 10.32
N GLY A 201 -14.92 -4.79 11.24
CA GLY A 201 -14.70 -5.44 12.51
C GLY A 201 -13.46 -6.30 12.58
N GLY A 202 -12.90 -6.67 11.44
CA GLY A 202 -11.66 -7.42 11.46
C GLY A 202 -10.49 -6.58 11.93
N GLU A 203 -9.42 -7.26 12.35
CA GLU A 203 -8.19 -6.56 12.67
C GLU A 203 -7.72 -5.71 11.50
N ASN A 204 -7.61 -6.32 10.32
CA ASN A 204 -7.28 -5.64 9.07
C ASN A 204 -6.14 -4.64 9.27
N GLU A 205 -5.03 -5.15 9.78
CA GLU A 205 -3.94 -4.28 10.21
C GLU A 205 -3.43 -3.41 9.06
N VAL A 206 -3.18 -4.00 7.89
CA VAL A 206 -2.61 -3.23 6.79
C VAL A 206 -3.60 -2.17 6.33
N PHE A 207 -4.89 -2.53 6.22
CA PHE A 207 -5.93 -1.57 5.87
C PHE A 207 -6.02 -0.46 6.91
N GLU A 208 -6.01 -0.83 8.20
CA GLU A 208 -6.08 0.21 9.24
C GLU A 208 -4.82 1.05 9.26
N ASP A 209 -3.67 0.46 8.91
CA ASP A 209 -2.42 1.20 8.92
C ASP A 209 -2.43 2.35 7.92
N PHE A 210 -3.24 2.25 6.87
CA PHE A 210 -3.27 3.31 5.87
C PHE A 210 -3.73 4.64 6.48
N PHE A 211 -4.63 4.59 7.47
CA PHE A 211 -5.26 5.79 7.99
C PHE A 211 -4.49 6.48 9.11
N ASP A 212 -3.47 5.84 9.69
CA ASP A 212 -2.67 6.54 10.71
C ASP A 212 -1.22 6.76 10.28
CA CA B . 13.02 11.19 1.34
CA CA C . -25.99 -1.18 0.87
CA CA D . 0.20 4.11 9.37
S SO4 E . 14.28 14.45 8.50
O1 SO4 E . 12.97 14.65 7.87
O2 SO4 E . 15.22 14.02 7.46
O3 SO4 E . 14.20 13.45 9.56
O4 SO4 E . 14.74 15.69 9.12
C1 GOL F . -2.67 -7.41 3.24
O1 GOL F . -3.82 -8.06 2.74
C2 GOL F . -1.49 -8.39 3.03
O2 GOL F . -0.27 -7.75 2.94
C3 GOL F . -1.57 -9.36 4.22
O3 GOL F . -0.79 -10.47 3.87
CL CL G . 12.83 18.32 -0.06
O1 MES H . -18.39 2.98 10.44
C2 MES H . -17.82 1.92 9.68
C3 MES H . -17.30 0.85 10.63
N4 MES H . -16.38 1.50 11.56
C5 MES H . -16.12 2.92 11.39
C6 MES H . -17.47 3.63 11.32
C7 MES H . -15.44 0.67 12.30
C8 MES H . -14.97 -0.42 11.35
S MES H . -14.10 -1.60 12.14
O1S MES H . -13.43 -2.42 11.11
O2S MES H . -15.06 -2.44 12.91
O3S MES H . -13.09 -1.08 13.08
#